data_3IJT
#
_entry.id   3IJT
#
_cell.length_a   93.400
_cell.length_b   99.680
_cell.length_c   45.290
_cell.angle_alpha   90.00
_cell.angle_beta   90.00
_cell.angle_gamma   90.00
#
_symmetry.space_group_name_H-M   'P 21 21 2'
#
loop_
_entity.id
_entity.type
_entity.pdbx_description
1 polymer 'Putative uncharacterized protein'
2 water water
#
_entity_poly.entity_id   1
_entity_poly.type   'polypeptide(L)'
_entity_poly.pdbx_seq_one_letter_code
;GSHMASMTGGQQMGRGSMKFSFELAVNTKKEDAWTYYSQVNQWFVWEGDLEQISLEGEFTTGQKGKMKMEDMPELAFTLV
EVRENQCFSDLTATPFGNVLFEHEILENPDGTISLRHSVSLTDSDTTEEALAFLKQIFADVPESVGKLKQILETV
;
_entity_poly.pdbx_strand_id   A,B
#
# COMPACT_ATOMS: atom_id res chain seq x y z
N ARG A 15 -10.31 -14.60 -3.97
CA ARG A 15 -9.96 -13.64 -5.01
C ARG A 15 -8.73 -14.11 -5.80
N GLY A 16 -8.42 -13.37 -6.86
CA GLY A 16 -7.10 -13.42 -7.48
C GLY A 16 -6.50 -12.05 -7.24
N SER A 17 -7.02 -11.37 -6.22
CA SER A 17 -6.71 -9.99 -5.93
C SER A 17 -5.28 -9.76 -5.46
N MET A 18 -4.69 -8.67 -5.95
CA MET A 18 -3.49 -8.12 -5.35
C MET A 18 -3.57 -6.59 -5.41
N LYS A 19 -3.12 -5.93 -4.34
CA LYS A 19 -3.27 -4.49 -4.26
C LYS A 19 -2.09 -3.75 -3.63
N PHE A 20 -1.64 -2.70 -4.32
CA PHE A 20 -0.66 -1.76 -3.78
C PHE A 20 -1.36 -0.55 -3.23
N SER A 21 -0.88 -0.07 -2.08
CA SER A 21 -1.37 1.19 -1.50
C SER A 21 -0.22 2.11 -1.12
N PHE A 22 -0.45 3.41 -1.25
CA PHE A 22 0.44 4.41 -0.67
C PHE A 22 -0.39 5.40 0.12
N GLU A 23 -0.03 5.62 1.38
CA GLU A 23 -0.74 6.58 2.22
C GLU A 23 0.17 7.72 2.68
N LEU A 24 -0.30 8.95 2.52
CA LEU A 24 0.49 10.12 2.94
C LEU A 24 -0.37 11.06 3.78
N ALA A 25 0.11 11.41 4.97
CA ALA A 25 -0.62 12.36 5.80
C ALA A 25 -0.33 13.78 5.34
N VAL A 26 -1.38 14.58 5.22
CA VAL A 26 -1.24 15.96 4.82
C VAL A 26 -2.04 16.90 5.73
N ASN A 27 -1.53 18.11 5.89
CA ASN A 27 -2.13 19.09 6.77
C ASN A 27 -3.13 19.96 6.02
N THR A 28 -4.33 19.43 5.78
CA THR A 28 -5.41 20.21 5.17
C THR A 28 -6.79 19.58 5.39
N LYS A 29 -7.80 20.17 4.74
CA LYS A 29 -9.19 19.74 4.92
C LYS A 29 -9.66 18.79 3.83
N LYS A 30 -10.44 17.78 4.23
CA LYS A 30 -10.94 16.82 3.27
C LYS A 30 -11.72 17.49 2.12
N GLU A 31 -12.42 18.59 2.40
CA GLU A 31 -13.20 19.27 1.37
C GLU A 31 -12.27 19.89 0.34
N ASP A 32 -11.12 20.37 0.78
CA ASP A 32 -10.16 20.94 -0.15
C ASP A 32 -9.50 19.83 -0.98
N ALA A 33 -9.19 18.70 -0.35
CA ALA A 33 -8.70 17.55 -1.12
C ALA A 33 -9.74 17.18 -2.15
N TRP A 34 -11.00 17.15 -1.73
CA TRP A 34 -12.07 16.72 -2.61
C TRP A 34 -12.12 17.51 -3.93
N THR A 35 -11.63 18.74 -3.90
CA THR A 35 -11.70 19.62 -5.08
C THR A 35 -10.86 19.07 -6.24
N TYR A 36 -9.68 18.56 -5.92
CA TYR A 36 -8.79 18.05 -6.93
C TYR A 36 -9.22 16.71 -7.50
N TYR A 37 -10.05 15.98 -6.74
CA TYR A 37 -10.58 14.70 -7.19
C TYR A 37 -11.80 14.89 -8.07
N SER A 38 -12.77 15.65 -7.56
CA SER A 38 -14.07 15.76 -8.19
C SER A 38 -14.09 16.68 -9.41
N GLN A 39 -13.01 17.42 -9.62
CA GLN A 39 -12.87 18.27 -10.81
C GLN A 39 -11.84 17.66 -11.75
N VAL A 40 -12.33 16.89 -12.72
CA VAL A 40 -11.48 16.16 -13.64
C VAL A 40 -10.48 17.09 -14.34
N ASN A 41 -10.91 18.32 -14.64
CA ASN A 41 -10.03 19.30 -15.29
C ASN A 41 -8.83 19.73 -14.45
N GLN A 42 -8.80 19.33 -13.18
CA GLN A 42 -7.68 19.65 -12.30
C GLN A 42 -6.81 18.43 -11.97
N TRP A 43 -7.03 17.34 -12.70
CA TRP A 43 -6.19 16.16 -12.51
C TRP A 43 -4.79 16.40 -13.02
N PHE A 44 -4.62 17.43 -13.82
CA PHE A 44 -3.30 17.72 -14.36
C PHE A 44 -2.33 18.11 -13.25
N VAL A 45 -2.84 18.74 -12.20
CA VAL A 45 -1.97 19.16 -11.10
C VAL A 45 -1.36 17.97 -10.36
N TRP A 46 -2.05 16.84 -10.33
CA TRP A 46 -1.53 15.68 -9.61
C TRP A 46 -1.32 14.39 -10.44
N GLU A 47 -2.02 14.25 -11.55
CA GLU A 47 -1.79 13.09 -12.41
C GLU A 47 -0.56 13.36 -13.29
N GLY A 48 0.56 12.74 -12.93
CA GLY A 48 1.77 12.89 -13.72
C GLY A 48 1.50 12.42 -15.13
N ASP A 49 1.99 13.17 -16.11
CA ASP A 49 1.88 12.78 -17.52
C ASP A 49 0.48 12.86 -18.11
N LEU A 50 -0.48 13.43 -17.40
CA LEU A 50 -1.83 13.53 -17.95
C LEU A 50 -1.78 14.45 -19.17
N GLU A 51 -2.36 14.00 -20.28
CA GLU A 51 -2.33 14.80 -21.50
C GLU A 51 -3.71 15.39 -21.76
N GLN A 52 -4.73 14.54 -21.72
CA GLN A 52 -6.10 15.00 -21.91
C GLN A 52 -7.03 14.17 -21.02
N ILE A 53 -8.12 14.80 -20.59
CA ILE A 53 -9.09 14.17 -19.70
C ILE A 53 -10.49 14.72 -20.01
N SER A 54 -11.50 13.86 -19.94
CA SER A 54 -12.87 14.29 -20.13
C SER A 54 -13.83 13.33 -19.44
N LEU A 55 -15.03 13.83 -19.13
CA LEU A 55 -16.03 13.04 -18.39
C LEU A 55 -17.41 13.28 -18.99
N GLU A 56 -18.16 12.20 -19.22
CA GLU A 56 -19.43 12.29 -19.94
C GLU A 56 -20.59 12.84 -19.12
N GLY A 57 -20.29 13.60 -18.06
CA GLY A 57 -21.35 14.14 -17.22
C GLY A 57 -20.87 14.57 -15.85
N GLU A 58 -21.73 14.38 -14.86
CA GLU A 58 -21.41 14.76 -13.49
C GLU A 58 -20.43 13.76 -12.86
N PHE A 59 -19.62 14.24 -11.93
CA PHE A 59 -18.70 13.37 -11.20
C PHE A 59 -19.49 12.56 -10.17
N THR A 60 -20.01 11.41 -10.60
CA THR A 60 -20.81 10.57 -9.72
C THR A 60 -20.62 9.09 -10.05
N THR A 61 -20.89 8.24 -9.08
CA THR A 61 -20.82 6.80 -9.25
C THR A 61 -21.45 6.40 -10.58
N GLY A 62 -20.68 5.72 -11.44
CA GLY A 62 -21.19 5.20 -12.69
C GLY A 62 -20.85 6.00 -13.94
N GLN A 63 -20.38 7.23 -13.77
CA GLN A 63 -20.05 8.09 -14.90
C GLN A 63 -18.86 7.57 -15.70
N LYS A 64 -18.94 7.67 -17.02
CA LYS A 64 -17.87 7.23 -17.90
C LYS A 64 -17.08 8.43 -18.44
N GLY A 65 -15.78 8.26 -18.60
CA GLY A 65 -14.95 9.32 -19.17
C GLY A 65 -13.86 8.78 -20.06
N LYS A 66 -13.01 9.67 -20.56
CA LYS A 66 -11.87 9.31 -21.39
C LYS A 66 -10.64 10.07 -20.91
N MET A 67 -9.50 9.39 -20.89
CA MET A 67 -8.27 9.88 -20.30
C MET A 67 -7.11 9.50 -21.21
N LYS A 68 -6.07 10.33 -21.27
CA LYS A 68 -4.90 9.99 -22.07
C LYS A 68 -3.62 10.52 -21.45
N MET A 69 -2.65 9.62 -21.23
CA MET A 69 -1.33 10.00 -20.77
C MET A 69 -0.41 10.20 -21.96
N GLU A 70 0.64 11.01 -21.79
CA GLU A 70 1.58 11.32 -22.86
C GLU A 70 2.15 10.05 -23.47
N ASP A 71 2.13 9.97 -24.80
CA ASP A 71 2.73 8.84 -25.51
C ASP A 71 2.02 7.54 -25.17
N MET A 72 0.71 7.62 -24.96
CA MET A 72 -0.09 6.42 -24.71
C MET A 72 -1.49 6.59 -25.32
N PRO A 73 -2.09 5.46 -25.74
CA PRO A 73 -3.44 5.48 -26.28
C PRO A 73 -4.44 5.97 -25.22
N GLU A 74 -5.46 6.70 -25.65
CA GLU A 74 -6.45 7.19 -24.70
C GLU A 74 -7.26 6.01 -24.20
N LEU A 75 -7.69 6.09 -22.95
CA LEU A 75 -8.33 4.96 -22.29
C LEU A 75 -9.69 5.36 -21.70
N ALA A 76 -10.69 4.52 -21.94
CA ALA A 76 -11.97 4.70 -21.28
C ALA A 76 -11.89 4.28 -19.81
N PHE A 77 -12.59 5.02 -18.95
CA PHE A 77 -12.69 4.63 -17.56
C PHE A 77 -14.09 4.90 -17.02
N THR A 78 -14.43 4.19 -15.95
CA THR A 78 -15.73 4.37 -15.32
C THR A 78 -15.53 4.65 -13.84
N LEU A 79 -16.29 5.62 -13.34
CA LEU A 79 -16.25 5.96 -11.92
C LEU A 79 -16.98 4.90 -11.12
N VAL A 80 -16.29 4.27 -10.18
CA VAL A 80 -16.86 3.12 -9.51
C VAL A 80 -17.61 3.43 -8.21
N GLU A 81 -17.05 4.29 -7.37
CA GLU A 81 -17.67 4.50 -6.05
C GLU A 81 -17.41 5.88 -5.49
N VAL A 82 -18.06 6.87 -6.09
CA VAL A 82 -17.89 8.26 -5.68
C VAL A 82 -18.62 8.56 -4.38
N ARG A 83 -17.88 8.96 -3.36
CA ARG A 83 -18.46 9.38 -2.08
C ARG A 83 -17.85 10.71 -1.68
N GLU A 84 -18.67 11.75 -1.73
CA GLU A 84 -18.16 13.11 -1.61
C GLU A 84 -17.34 13.30 -0.35
N ASN A 85 -16.18 13.91 -0.51
CA ASN A 85 -15.28 14.23 0.61
C ASN A 85 -14.56 13.03 1.20
N GLN A 86 -14.75 11.86 0.58
CA GLN A 86 -14.27 10.62 1.16
C GLN A 86 -13.43 9.76 0.21
N CYS A 87 -13.99 9.42 -0.94
CA CYS A 87 -13.31 8.53 -1.87
C CYS A 87 -13.89 8.56 -3.28
N PHE A 88 -13.08 8.20 -4.25
CA PHE A 88 -13.60 7.87 -5.57
C PHE A 88 -12.69 6.82 -6.20
N SER A 89 -13.27 5.96 -7.01
CA SER A 89 -12.50 4.91 -7.65
C SER A 89 -12.78 4.95 -9.13
N ASP A 90 -11.79 4.56 -9.92
CA ASP A 90 -12.01 4.42 -11.35
C ASP A 90 -11.55 3.07 -11.87
N LEU A 91 -12.26 2.57 -12.86
CA LEU A 91 -12.02 1.25 -13.43
C LEU A 91 -11.60 1.43 -14.87
N THR A 92 -10.47 0.83 -15.23
CA THR A 92 -10.01 0.84 -16.63
C THR A 92 -9.70 -0.58 -17.07
N ALA A 93 -10.02 -0.89 -18.32
CA ALA A 93 -9.69 -2.20 -18.87
C ALA A 93 -8.24 -2.21 -19.33
N THR A 94 -7.53 -3.31 -19.05
CA THR A 94 -6.15 -3.45 -19.48
C THR A 94 -5.95 -4.86 -20.01
N PRO A 95 -4.76 -5.11 -20.59
CA PRO A 95 -4.39 -6.49 -20.95
C PRO A 95 -4.67 -7.47 -19.82
N PHE A 96 -4.49 -7.02 -18.57
CA PHE A 96 -4.62 -7.92 -17.42
C PHE A 96 -5.99 -7.81 -16.75
N GLY A 97 -6.97 -7.37 -17.53
CA GLY A 97 -8.32 -7.25 -17.03
C GLY A 97 -8.53 -5.87 -16.46
N ASN A 98 -9.56 -5.75 -15.64
CA ASN A 98 -9.91 -4.46 -15.09
C ASN A 98 -9.00 -4.04 -13.94
N VAL A 99 -8.34 -2.90 -14.11
CA VAL A 99 -7.58 -2.26 -13.04
C VAL A 99 -8.48 -1.26 -12.29
N LEU A 100 -8.55 -1.43 -10.98
CA LEU A 100 -9.32 -0.53 -10.13
C LEU A 100 -8.38 0.43 -9.42
N PHE A 101 -8.58 1.71 -9.66
CA PHE A 101 -7.76 2.72 -9.00
C PHE A 101 -8.55 3.44 -7.91
N GLU A 102 -8.02 3.46 -6.70
CA GLU A 102 -8.74 4.00 -5.55
C GLU A 102 -8.04 5.20 -4.94
N HIS A 103 -8.85 6.16 -4.51
CA HIS A 103 -8.36 7.38 -3.89
C HIS A 103 -9.22 7.65 -2.67
N GLU A 104 -8.58 7.63 -1.51
CA GLU A 104 -9.31 7.80 -0.26
C GLU A 104 -8.78 8.97 0.55
N ILE A 105 -9.69 9.74 1.11
CA ILE A 105 -9.36 10.76 2.08
C ILE A 105 -9.72 10.23 3.47
N LEU A 106 -8.70 10.04 4.30
CA LEU A 106 -8.91 9.54 5.65
C LEU A 106 -8.68 10.67 6.63
N GLU A 107 -9.43 10.66 7.72
CA GLU A 107 -9.21 11.64 8.78
C GLU A 107 -8.39 11.02 9.90
N ASN A 108 -7.33 11.71 10.29
CA ASN A 108 -6.50 11.27 11.40
C ASN A 108 -6.82 12.03 12.69
N PRO A 109 -6.68 11.34 13.83
CA PRO A 109 -7.00 11.90 15.15
C PRO A 109 -6.26 13.20 15.48
N ASP A 110 -5.09 13.40 14.89
CA ASP A 110 -4.30 14.60 15.16
C ASP A 110 -4.74 15.82 14.34
N GLY A 111 -5.80 15.65 13.55
CA GLY A 111 -6.35 16.77 12.80
C GLY A 111 -6.01 16.79 11.32
N THR A 112 -4.90 16.15 10.96
CA THR A 112 -4.55 16.02 9.54
C THR A 112 -5.53 15.09 8.83
N ILE A 113 -5.48 15.11 7.50
CA ILE A 113 -6.09 14.04 6.75
C ILE A 113 -4.95 13.19 6.20
N SER A 114 -5.29 11.98 5.78
CA SER A 114 -4.36 11.18 5.02
C SER A 114 -4.96 10.97 3.63
N LEU A 115 -4.10 10.93 2.62
CA LEU A 115 -4.53 10.55 1.27
C LEU A 115 -4.00 9.15 0.98
N ARG A 116 -4.89 8.20 0.69
CA ARG A 116 -4.44 6.87 0.31
C ARG A 116 -4.85 6.52 -1.13
N HIS A 117 -3.86 6.31 -1.99
CA HIS A 117 -4.12 5.89 -3.36
C HIS A 117 -3.70 4.42 -3.57
N SER A 118 -4.59 3.63 -4.16
CA SER A 118 -4.34 2.21 -4.35
C SER A 118 -4.66 1.74 -5.77
N VAL A 119 -3.83 0.83 -6.27
CA VAL A 119 -4.06 0.21 -7.56
C VAL A 119 -4.14 -1.29 -7.36
N SER A 120 -5.16 -1.91 -7.92
CA SER A 120 -5.30 -3.36 -7.82
C SER A 120 -5.79 -3.98 -9.12
N LEU A 121 -5.42 -5.24 -9.33
CA LEU A 121 -5.91 -6.05 -10.44
C LEU A 121 -7.00 -6.95 -9.93
N THR A 122 -8.22 -6.63 -10.33
CA THR A 122 -9.44 -7.36 -9.95
C THR A 122 -9.20 -8.84 -9.67
N ASP A 123 -8.32 -9.46 -10.46
CA ASP A 123 -8.08 -10.89 -10.36
C ASP A 123 -6.93 -11.32 -11.27
N SER A 124 -6.37 -12.48 -10.97
CA SER A 124 -5.36 -13.13 -11.79
C SER A 124 -4.54 -14.05 -10.89
N ASP A 125 -4.32 -15.28 -11.34
CA ASP A 125 -3.50 -16.21 -10.58
C ASP A 125 -2.03 -15.80 -10.56
N THR A 126 -1.74 -14.86 -9.68
CA THR A 126 -0.40 -14.35 -9.43
C THR A 126 0.55 -14.55 -10.60
N THR A 127 0.24 -13.92 -11.73
CA THR A 127 1.12 -13.95 -12.88
C THR A 127 2.37 -13.14 -12.59
N GLU A 128 3.52 -13.66 -13.03
CA GLU A 128 4.78 -12.94 -12.89
C GLU A 128 4.68 -11.59 -13.59
N GLU A 129 3.88 -11.55 -14.65
CA GLU A 129 3.71 -10.34 -15.44
C GLU A 129 2.56 -9.47 -14.93
N ALA A 130 1.65 -10.08 -14.18
CA ALA A 130 0.57 -9.34 -13.55
C ALA A 130 1.15 -8.40 -12.51
N LEU A 131 1.86 -8.99 -11.56
CA LEU A 131 2.52 -8.24 -10.50
C LEU A 131 3.41 -7.15 -11.07
N ALA A 132 4.22 -7.52 -12.06
CA ALA A 132 5.12 -6.57 -12.71
C ALA A 132 4.33 -5.45 -13.34
N PHE A 133 3.09 -5.76 -13.74
CA PHE A 133 2.23 -4.76 -14.35
C PHE A 133 1.76 -3.73 -13.32
N LEU A 134 1.22 -4.22 -12.20
CA LEU A 134 0.81 -3.35 -11.11
C LEU A 134 1.95 -2.48 -10.61
N LYS A 135 3.13 -3.07 -10.44
CA LYS A 135 4.28 -2.32 -9.95
C LYS A 135 4.52 -1.10 -10.81
N GLN A 136 4.40 -1.26 -12.12
CA GLN A 136 4.68 -0.17 -13.04
C GLN A 136 3.64 0.95 -12.96
N ILE A 137 2.38 0.55 -12.88
CA ILE A 137 1.30 1.53 -12.69
C ILE A 137 1.49 2.25 -11.37
N PHE A 138 1.85 1.48 -10.34
CA PHE A 138 1.96 2.02 -8.99
C PHE A 138 3.21 2.86 -8.78
N ALA A 139 4.15 2.76 -9.71
CA ALA A 139 5.45 3.42 -9.52
C ALA A 139 5.34 4.94 -9.44
N ASP A 140 4.35 5.50 -10.12
CA ASP A 140 4.20 6.94 -10.19
C ASP A 140 3.32 7.47 -9.07
N VAL A 141 2.62 6.57 -8.38
CA VAL A 141 1.63 6.93 -7.37
C VAL A 141 2.16 7.80 -6.20
N PRO A 142 3.27 7.38 -5.57
CA PRO A 142 3.80 8.19 -4.45
C PRO A 142 4.12 9.65 -4.81
N GLU A 143 4.58 9.90 -6.03
CA GLU A 143 4.91 11.25 -6.50
C GLU A 143 3.63 12.08 -6.60
N SER A 144 2.64 11.49 -7.26
CA SER A 144 1.33 12.09 -7.44
C SER A 144 0.69 12.46 -6.09
N VAL A 145 0.78 11.58 -5.10
CA VAL A 145 0.27 11.88 -3.77
C VAL A 145 1.11 12.97 -3.11
N GLY A 146 2.41 12.96 -3.38
CA GLY A 146 3.28 14.02 -2.90
C GLY A 146 2.87 15.39 -3.42
N LYS A 147 2.51 15.46 -4.70
CA LYS A 147 2.16 16.73 -5.33
C LYS A 147 0.88 17.30 -4.75
N LEU A 148 -0.11 16.42 -4.55
CA LEU A 148 -1.33 16.80 -3.87
C LEU A 148 -1.05 17.42 -2.50
N LYS A 149 -0.21 16.75 -1.71
CA LYS A 149 0.12 17.23 -0.39
C LYS A 149 0.74 18.63 -0.44
N GLN A 150 1.68 18.85 -1.35
CA GLN A 150 2.36 20.14 -1.40
C GLN A 150 1.41 21.23 -1.93
N ILE A 151 0.51 20.86 -2.82
CA ILE A 151 -0.50 21.79 -3.29
C ILE A 151 -1.53 22.10 -2.20
N LEU A 152 -1.94 21.08 -1.45
CA LEU A 152 -2.93 21.28 -0.41
C LEU A 152 -2.38 22.06 0.79
N GLU A 153 -1.08 21.99 1.01
CA GLU A 153 -0.46 22.63 2.17
C GLU A 153 0.03 24.04 1.86
N THR A 154 -0.27 24.49 0.65
CA THR A 154 -0.03 25.87 0.28
C THR A 154 -1.07 26.77 0.96
N GLN B 12 -3.11 5.21 13.43
CA GLN B 12 -1.79 5.43 14.01
C GLN B 12 -0.97 6.38 13.14
N MET B 13 -1.50 6.67 11.95
CA MET B 13 -0.91 7.67 11.07
C MET B 13 -1.28 9.07 11.53
N GLY B 14 -0.42 10.04 11.23
CA GLY B 14 -0.62 11.44 11.55
C GLY B 14 0.42 12.28 10.82
N ARG B 15 0.53 13.56 11.17
CA ARG B 15 1.46 14.49 10.52
C ARG B 15 2.86 13.90 10.30
N GLY B 16 3.30 13.90 9.03
CA GLY B 16 4.63 13.45 8.68
C GLY B 16 4.77 12.00 8.27
N SER B 17 3.73 11.21 8.46
CA SER B 17 3.87 9.78 8.20
C SER B 17 3.57 9.38 6.75
N MET B 18 4.26 8.34 6.28
CA MET B 18 4.02 7.75 4.97
C MET B 18 4.08 6.25 5.09
N LYS B 19 3.36 5.55 4.22
CA LYS B 19 3.13 4.13 4.40
C LYS B 19 2.86 3.41 3.08
N PHE B 20 3.59 2.32 2.84
CA PHE B 20 3.38 1.50 1.65
C PHE B 20 2.65 0.22 2.07
N SER B 21 1.68 -0.20 1.27
CA SER B 21 0.99 -1.47 1.54
C SER B 21 0.98 -2.36 0.32
N PHE B 22 1.11 -3.66 0.54
CA PHE B 22 0.86 -4.61 -0.51
C PHE B 22 -0.03 -5.67 0.09
N GLU B 23 -1.13 -5.98 -0.60
CA GLU B 23 -2.08 -6.97 -0.14
C GLU B 23 -2.30 -8.04 -1.21
N LEU B 24 -2.37 -9.29 -0.77
CA LEU B 24 -2.53 -10.43 -1.67
C LEU B 24 -3.53 -11.44 -1.14
N ALA B 25 -4.52 -11.78 -1.94
CA ALA B 25 -5.50 -12.80 -1.59
C ALA B 25 -4.86 -14.19 -1.64
N VAL B 26 -5.00 -14.95 -0.57
CA VAL B 26 -4.47 -16.31 -0.54
C VAL B 26 -5.53 -17.32 -0.13
N ASN B 27 -5.65 -18.37 -0.93
CA ASN B 27 -6.57 -19.46 -0.70
C ASN B 27 -6.05 -20.31 0.45
N THR B 28 -6.35 -19.89 1.68
CA THR B 28 -5.84 -20.57 2.88
C THR B 28 -6.55 -20.08 4.13
N LYS B 29 -6.20 -20.67 5.26
CA LYS B 29 -6.84 -20.37 6.54
C LYS B 29 -5.89 -19.53 7.40
N LYS B 30 -6.47 -18.74 8.30
CA LYS B 30 -5.70 -17.78 9.11
C LYS B 30 -4.70 -18.44 10.05
N GLU B 31 -5.08 -19.58 10.63
CA GLU B 31 -4.23 -20.25 11.60
C GLU B 31 -2.92 -20.72 10.95
N ASP B 32 -3.02 -21.20 9.71
CA ASP B 32 -1.86 -21.66 8.96
C ASP B 32 -0.90 -20.53 8.60
N ALA B 33 -1.47 -19.43 8.13
CA ALA B 33 -0.68 -18.22 7.88
C ALA B 33 0.04 -17.81 9.15
N TRP B 34 -0.71 -17.77 10.25
CA TRP B 34 -0.16 -17.28 11.51
C TRP B 34 1.05 -18.07 12.01
N THR B 35 1.20 -19.32 11.56
CA THR B 35 2.34 -20.11 12.02
C THR B 35 3.66 -19.61 11.41
N TYR B 36 3.57 -19.02 10.22
CA TYR B 36 4.75 -18.44 9.58
C TYR B 36 5.12 -17.05 10.11
N TYR B 37 4.26 -16.47 10.94
CA TYR B 37 4.51 -15.16 11.52
C TYR B 37 5.02 -15.32 12.94
N SER B 38 4.29 -16.11 13.72
CA SER B 38 4.53 -16.27 15.15
C SER B 38 5.79 -17.07 15.46
N GLN B 39 6.26 -17.87 14.50
CA GLN B 39 7.50 -18.63 14.69
C GLN B 39 8.66 -17.98 13.94
N VAL B 40 9.41 -17.18 14.68
CA VAL B 40 10.53 -16.41 14.15
C VAL B 40 11.45 -17.22 13.22
N ASN B 41 11.68 -18.48 13.57
CA ASN B 41 12.57 -19.35 12.81
C ASN B 41 12.03 -19.67 11.41
N GLN B 42 10.73 -19.45 11.20
CA GLN B 42 10.11 -19.68 9.90
C GLN B 42 10.30 -18.51 8.91
N TRP B 43 10.64 -17.33 9.43
CA TRP B 43 10.80 -16.14 8.59
C TRP B 43 11.77 -16.37 7.43
N PHE B 44 12.56 -17.43 7.50
CA PHE B 44 13.47 -17.75 6.41
C PHE B 44 12.71 -18.13 5.15
N VAL B 45 11.50 -18.66 5.33
CA VAL B 45 10.72 -19.09 4.19
C VAL B 45 10.27 -17.89 3.37
N TRP B 46 9.94 -16.80 4.06
CA TRP B 46 9.41 -15.59 3.38
C TRP B 46 10.29 -14.34 3.38
N GLU B 47 11.27 -14.27 4.27
CA GLU B 47 12.24 -13.18 4.21
C GLU B 47 13.46 -13.61 3.37
N GLY B 48 13.52 -13.11 2.14
CA GLY B 48 14.47 -13.60 1.15
C GLY B 48 15.95 -13.38 1.45
N ASP B 49 16.28 -12.24 2.04
CA ASP B 49 17.66 -11.95 2.39
C ASP B 49 18.01 -12.27 3.84
N LEU B 50 17.15 -13.01 4.53
CA LEU B 50 17.38 -13.28 5.95
C LEU B 50 18.58 -14.20 6.19
N GLU B 51 19.42 -13.82 7.15
CA GLU B 51 20.58 -14.61 7.53
C GLU B 51 20.44 -15.13 8.95
N GLN B 52 20.03 -14.28 9.87
CA GLN B 52 19.93 -14.66 11.29
C GLN B 52 18.72 -14.00 11.91
N ILE B 53 18.15 -14.64 12.90
CA ILE B 53 16.91 -14.17 13.50
C ILE B 53 16.72 -14.80 14.87
N SER B 54 16.40 -13.95 15.85
CA SER B 54 16.15 -14.41 17.20
C SER B 54 15.18 -13.46 17.91
N LEU B 55 14.53 -13.97 18.96
CA LEU B 55 13.59 -13.21 19.76
C LEU B 55 13.80 -13.61 21.22
N GLU B 56 13.82 -12.63 22.11
CA GLU B 56 14.22 -12.86 23.50
C GLU B 56 13.27 -13.74 24.31
N GLY B 57 12.19 -14.18 23.68
CA GLY B 57 11.23 -15.00 24.38
C GLY B 57 10.05 -15.39 23.51
N GLU B 58 8.86 -15.34 24.10
CA GLU B 58 7.67 -15.80 23.39
C GLU B 58 7.13 -14.72 22.45
N PHE B 59 6.41 -15.16 21.41
CA PHE B 59 5.91 -14.25 20.40
C PHE B 59 4.73 -13.44 20.92
N THR B 60 5.03 -12.47 21.78
CA THR B 60 4.02 -11.66 22.44
C THR B 60 4.38 -10.16 22.37
N THR B 61 3.35 -9.32 22.42
CA THR B 61 3.52 -7.87 22.40
C THR B 61 4.57 -7.37 23.41
N GLY B 62 5.56 -6.64 22.92
CA GLY B 62 6.61 -6.09 23.76
C GLY B 62 7.95 -6.80 23.63
N GLN B 63 7.92 -8.04 23.14
CA GLN B 63 9.13 -8.85 23.03
C GLN B 63 10.19 -8.22 22.11
N LYS B 64 11.45 -8.24 22.55
CA LYS B 64 12.55 -7.77 21.73
C LYS B 64 13.25 -8.92 21.00
N GLY B 65 13.96 -8.59 19.92
CA GLY B 65 14.64 -9.59 19.12
C GLY B 65 15.73 -8.99 18.25
N LYS B 66 16.41 -9.83 17.48
CA LYS B 66 17.43 -9.35 16.55
C LYS B 66 17.36 -10.13 15.25
N MET B 67 17.92 -9.56 14.20
CA MET B 67 17.90 -10.20 12.90
C MET B 67 18.97 -9.59 12.04
N LYS B 68 19.49 -10.37 11.10
CA LYS B 68 20.51 -9.87 10.21
C LYS B 68 20.18 -10.28 8.78
N MET B 69 20.28 -9.31 7.87
CA MET B 69 20.02 -9.57 6.47
C MET B 69 21.32 -9.56 5.67
N GLU B 70 21.30 -10.27 4.54
CA GLU B 70 22.43 -10.31 3.62
C GLU B 70 23.10 -8.94 3.51
N ASP B 71 24.41 -8.88 3.81
CA ASP B 71 25.18 -7.66 3.58
C ASP B 71 24.86 -6.49 4.51
N MET B 72 24.14 -6.77 5.59
CA MET B 72 23.72 -5.72 6.51
C MET B 72 24.04 -6.12 7.95
N PRO B 73 24.30 -5.14 8.81
CA PRO B 73 24.56 -5.42 10.22
C PRO B 73 23.31 -5.91 10.93
N GLU B 74 23.50 -6.70 11.97
CA GLU B 74 22.41 -7.11 12.84
C GLU B 74 21.59 -5.90 13.29
N LEU B 75 20.30 -6.13 13.52
CA LEU B 75 19.38 -5.05 13.82
C LEU B 75 18.43 -5.43 14.95
N ALA B 76 18.34 -4.58 15.97
CA ALA B 76 17.38 -4.79 17.04
C ALA B 76 15.98 -4.43 16.56
N PHE B 77 14.99 -5.13 17.09
CA PHE B 77 13.59 -4.85 16.76
C PHE B 77 12.67 -5.25 17.90
N THR B 78 11.51 -4.60 17.97
CA THR B 78 10.53 -4.88 19.02
C THR B 78 9.17 -5.25 18.44
N LEU B 79 8.50 -6.21 19.07
CA LEU B 79 7.11 -6.51 18.72
C LEU B 79 6.22 -5.49 19.43
N VAL B 80 5.57 -4.64 18.66
CA VAL B 80 4.77 -3.56 19.22
C VAL B 80 3.29 -3.94 19.32
N GLU B 81 2.85 -4.88 18.47
CA GLU B 81 1.48 -5.32 18.50
C GLU B 81 1.32 -6.73 17.99
N VAL B 82 0.68 -7.58 18.80
CA VAL B 82 0.45 -8.97 18.41
C VAL B 82 -0.98 -9.42 18.69
N ARG B 83 -1.62 -9.98 17.67
CA ARG B 83 -2.95 -10.54 17.82
C ARG B 83 -3.13 -11.78 16.97
N GLU B 84 -3.22 -12.93 17.61
CA GLU B 84 -3.48 -14.18 16.92
C GLU B 84 -4.96 -14.24 16.59
N ASN B 85 -5.32 -14.63 15.37
CA ASN B 85 -4.40 -14.80 14.25
C ASN B 85 -4.75 -13.70 13.26
N GLN B 86 -4.59 -12.44 13.68
CA GLN B 86 -5.00 -11.30 12.88
C GLN B 86 -3.82 -10.50 12.37
N CYS B 87 -2.85 -10.24 13.23
CA CYS B 87 -1.78 -9.33 12.87
C CYS B 87 -0.61 -9.33 13.87
N PHE B 88 0.53 -8.83 13.41
CA PHE B 88 1.66 -8.52 14.29
C PHE B 88 2.48 -7.42 13.63
N SER B 89 3.11 -6.58 14.46
CA SER B 89 3.88 -5.46 13.98
C SER B 89 5.18 -5.33 14.74
N ASP B 90 6.24 -4.89 14.07
CA ASP B 90 7.53 -4.68 14.73
C ASP B 90 8.14 -3.33 14.36
N LEU B 91 8.99 -2.84 15.24
CA LEU B 91 9.57 -1.52 15.11
C LEU B 91 11.06 -1.64 15.12
N THR B 92 11.72 -0.99 14.15
CA THR B 92 13.17 -0.94 14.14
C THR B 92 13.60 0.52 14.00
N ALA B 93 14.77 0.83 14.56
CA ALA B 93 15.30 2.18 14.48
C ALA B 93 16.22 2.31 13.26
N THR B 94 16.04 3.38 12.51
CA THR B 94 16.81 3.63 11.31
C THR B 94 17.27 5.08 11.29
N PRO B 95 18.08 5.47 10.28
CA PRO B 95 18.50 6.86 10.08
C PRO B 95 17.35 7.83 9.76
N PHE B 96 16.13 7.33 9.70
CA PHE B 96 14.97 8.20 9.44
C PHE B 96 13.91 8.00 10.51
N GLY B 97 14.36 7.71 11.72
CA GLY B 97 13.43 7.45 12.80
C GLY B 97 13.01 6.00 12.75
N ASN B 98 11.96 5.67 13.48
CA ASN B 98 11.52 4.30 13.55
C ASN B 98 10.70 3.91 12.32
N VAL B 99 10.97 2.72 11.81
CA VAL B 99 10.15 2.14 10.76
C VAL B 99 9.26 1.10 11.39
N LEU B 100 7.99 1.12 11.04
CA LEU B 100 7.05 0.15 11.58
C LEU B 100 6.65 -0.80 10.47
N PHE B 101 6.88 -2.09 10.69
CA PHE B 101 6.44 -3.11 9.75
C PHE B 101 5.16 -3.76 10.24
N GLU B 102 4.14 -3.74 9.41
CA GLU B 102 2.87 -4.36 9.75
C GLU B 102 2.60 -5.60 8.93
N HIS B 103 1.97 -6.58 9.57
CA HIS B 103 1.60 -7.81 8.89
C HIS B 103 0.19 -8.19 9.30
N GLU B 104 -0.73 -8.14 8.35
CA GLU B 104 -2.14 -8.33 8.62
C GLU B 104 -2.71 -9.51 7.86
N ILE B 105 -3.47 -10.34 8.59
CA ILE B 105 -4.27 -11.40 8.01
C ILE B 105 -5.71 -10.92 8.05
N LEU B 106 -6.35 -10.92 6.89
CA LEU B 106 -7.73 -10.45 6.76
C LEU B 106 -8.60 -11.52 6.10
N GLU B 107 -9.69 -11.90 6.76
CA GLU B 107 -10.61 -12.91 6.22
C GLU B 107 -11.51 -12.31 5.16
N ASN B 108 -11.49 -12.89 3.96
CA ASN B 108 -12.33 -12.41 2.87
C ASN B 108 -13.71 -13.07 2.86
N PRO B 109 -14.71 -12.37 2.29
CA PRO B 109 -16.12 -12.82 2.22
C PRO B 109 -16.34 -14.03 1.31
N ASP B 110 -15.34 -14.42 0.53
CA ASP B 110 -15.42 -15.66 -0.24
C ASP B 110 -14.62 -16.80 0.42
N GLY B 111 -14.36 -16.66 1.72
CA GLY B 111 -13.62 -17.66 2.48
C GLY B 111 -12.11 -17.46 2.43
N THR B 112 -11.62 -17.12 1.24
CA THR B 112 -10.20 -16.84 1.04
C THR B 112 -9.72 -15.80 2.05
N ILE B 113 -8.42 -15.75 2.31
CA ILE B 113 -7.86 -14.69 3.13
C ILE B 113 -6.96 -13.75 2.33
N SER B 114 -6.63 -12.63 2.94
CA SER B 114 -5.69 -11.68 2.38
C SER B 114 -4.54 -11.47 3.35
N LEU B 115 -3.34 -11.34 2.81
CA LEU B 115 -2.20 -10.94 3.62
C LEU B 115 -1.76 -9.56 3.16
N ARG B 116 -1.67 -8.63 4.11
CA ARG B 116 -1.26 -7.27 3.80
C ARG B 116 -0.04 -6.90 4.63
N HIS B 117 1.06 -6.61 3.94
CA HIS B 117 2.29 -6.17 4.59
C HIS B 117 2.50 -4.68 4.31
N SER B 118 2.75 -3.91 5.36
CA SER B 118 2.96 -2.47 5.21
C SER B 118 4.20 -1.98 5.95
N VAL B 119 4.79 -0.90 5.46
CA VAL B 119 5.92 -0.27 6.12
C VAL B 119 5.69 1.21 6.14
N SER B 120 5.97 1.83 7.27
CA SER B 120 5.73 3.26 7.45
C SER B 120 6.80 3.91 8.29
N LEU B 121 6.96 5.22 8.09
CA LEU B 121 7.82 6.03 8.94
C LEU B 121 7.28 7.46 9.06
N THR B 122 7.89 8.25 9.94
CA THR B 122 7.50 9.64 10.16
C THR B 122 8.63 10.62 9.77
N ASP B 123 8.35 11.45 8.76
CA ASP B 123 9.29 12.48 8.33
C ASP B 123 8.54 13.80 8.17
N SER B 124 8.64 14.66 9.18
CA SER B 124 7.94 15.95 9.21
C SER B 124 8.19 16.72 7.92
N ASP B 125 9.36 16.52 7.34
CA ASP B 125 9.75 17.24 6.12
C ASP B 125 9.17 16.64 4.85
N THR B 126 8.93 15.33 4.87
CA THR B 126 8.48 14.61 3.67
C THR B 126 9.52 14.72 2.55
N THR B 127 10.78 14.46 2.89
CA THR B 127 11.89 14.58 1.96
C THR B 127 11.97 13.42 0.99
N GLU B 128 12.73 13.57 -0.08
CA GLU B 128 12.92 12.47 -1.00
C GLU B 128 13.73 11.38 -0.34
N GLU B 129 14.67 11.79 0.51
CA GLU B 129 15.51 10.84 1.23
C GLU B 129 14.65 9.83 1.99
N ALA B 130 13.73 10.35 2.79
CA ALA B 130 12.86 9.49 3.57
C ALA B 130 11.99 8.62 2.65
N LEU B 131 11.43 9.24 1.62
CA LEU B 131 10.60 8.53 0.65
C LEU B 131 11.37 7.40 -0.02
N ALA B 132 12.55 7.73 -0.55
CA ALA B 132 13.35 6.75 -1.28
C ALA B 132 13.76 5.62 -0.35
N PHE B 133 14.02 5.97 0.91
CA PHE B 133 14.45 5.00 1.92
C PHE B 133 13.33 4.01 2.22
N LEU B 134 12.11 4.52 2.33
CA LEU B 134 10.96 3.68 2.62
C LEU B 134 10.69 2.80 1.41
N LYS B 135 10.78 3.41 0.23
CA LYS B 135 10.52 2.72 -1.03
C LYS B 135 11.48 1.55 -1.19
N GLN B 136 12.73 1.77 -0.81
CA GLN B 136 13.72 0.71 -0.86
C GLN B 136 13.30 -0.50 -0.02
N ILE B 137 12.98 -0.26 1.25
CA ILE B 137 12.53 -1.32 2.16
C ILE B 137 11.29 -2.06 1.65
N PHE B 138 10.40 -1.33 1.01
CA PHE B 138 9.15 -1.91 0.52
C PHE B 138 9.35 -2.69 -0.79
N ALA B 139 10.52 -2.55 -1.39
CA ALA B 139 10.73 -3.01 -2.77
C ALA B 139 10.58 -4.51 -2.96
N ASP B 140 11.05 -5.30 -2.01
CA ASP B 140 10.93 -6.75 -2.12
C ASP B 140 9.80 -7.32 -1.26
N VAL B 141 8.99 -6.45 -0.70
CA VAL B 141 7.84 -6.88 0.10
C VAL B 141 6.79 -7.66 -0.70
N PRO B 142 6.50 -7.23 -1.93
CA PRO B 142 5.54 -7.99 -2.73
C PRO B 142 5.98 -9.43 -3.00
N GLU B 143 7.28 -9.66 -3.25
CA GLU B 143 7.77 -11.04 -3.49
C GLU B 143 7.72 -11.86 -2.20
N SER B 144 8.13 -11.25 -1.10
CA SER B 144 8.04 -11.87 0.22
C SER B 144 6.64 -12.40 0.46
N VAL B 145 5.64 -11.56 0.20
CA VAL B 145 4.24 -11.93 0.36
C VAL B 145 3.85 -13.01 -0.65
N GLY B 146 4.43 -12.94 -1.84
CA GLY B 146 4.19 -13.95 -2.86
C GLY B 146 4.71 -15.31 -2.45
N LYS B 147 5.83 -15.34 -1.74
CA LYS B 147 6.39 -16.60 -1.25
C LYS B 147 5.45 -17.23 -0.23
N LEU B 148 4.86 -16.40 0.62
CA LEU B 148 3.96 -16.88 1.67
C LEU B 148 2.73 -17.51 1.01
N LYS B 149 2.22 -16.84 -0.02
CA LYS B 149 1.14 -17.34 -0.84
C LYS B 149 1.45 -18.73 -1.40
N GLN B 150 2.54 -18.83 -2.14
CA GLN B 150 2.97 -20.09 -2.76
C GLN B 150 3.08 -21.22 -1.74
N ILE B 151 3.61 -20.89 -0.58
CA ILE B 151 3.83 -21.87 0.48
C ILE B 151 2.52 -22.33 1.10
N LEU B 152 1.63 -21.37 1.35
CA LEU B 152 0.38 -21.67 2.04
C LEU B 152 -0.59 -22.46 1.17
N GLU B 153 -0.44 -22.31 -0.15
CA GLU B 153 -1.31 -22.97 -1.12
C GLU B 153 -0.63 -24.21 -1.70
N THR B 154 -0.65 -25.29 -0.93
CA THR B 154 -0.07 -26.56 -1.38
C THR B 154 -0.90 -27.71 -0.86
#